data_7VOE
#
_entry.id   7VOE
#
_cell.length_a   50.270
_cell.length_b   54.280
_cell.length_c   179.550
_cell.angle_alpha   90.000
_cell.angle_beta   90.000
_cell.angle_gamma   90.000
#
_symmetry.space_group_name_H-M   'P 21 2 21'
#
loop_
_entity.id
_entity.type
_entity.pdbx_description
1 polymer '5-hydroxytryptamine receptor 2A,Soluble cytochrome b562'
2 non-polymer CHOLESTEROL
3 non-polymer 'PENTAETHYLENE GLYCOL'
4 non-polymer '(2R)-2,3-dihydroxypropyl (9Z)-octadec-9-enoate'
5 non-polymer 7-[4-[4-[2,3-bis(chloranyl)phenyl]piperazin-1-yl]butoxy]-3,4-dihydro-1H-quinolin-2-one
6 non-polymer 'MAGNESIUM ION'
#
_entity_poly.entity_id   1
_entity_poly.type   'polypeptide(L)'
_entity_poly.pdbx_seq_one_letter_code
;GGTHLQEKNWSALLTAVVIILTIAGNILVIMAVSLEKKLQNATNYFLMSLAIADMLLGFLVMPVSMLTILYGYRWPLPSK
LCAVWIYLDVLFSTAKIWHLCAISLDRYVAIQNPIHHSRFNSRTKAFLKIIAVWTISVGISMPIPVFGLQDDSKVFKEGS
CLLADDNFVLIGSFVSFFIPLTIMVITYFLTIKSLQKEAADLEDNWETLNDNLKVIEKADNAAQVKDALTKMRAAALDAG
SGSGDILVGQIDDALKLANEGKVKEAQAAAEQLKTTINAYIQKYGQSISNEQKACKVLGIVFFLFVVMWCPFFITNIMAV
ICKESCNEDVIGALLNVFVWIGYLNSAVNPLVYTLFNKTYRSAFSRYIQCQYKENK
;
_entity_poly.pdbx_strand_id   A
#
loop_
_chem_comp.id
_chem_comp.type
_chem_comp.name
_chem_comp.formula
1PE non-polymer 'PENTAETHYLENE GLYCOL' 'C10 H22 O6'
9SC non-polymer 7-[4-[4-[2,3-bis(chloranyl)phenyl]piperazin-1-yl]butoxy]-3,4-dihydro-1H-quinolin-2-one 'C23 H27 Cl2 N3 O2'
CLR non-polymer CHOLESTEROL 'C27 H46 O'
MG non-polymer 'MAGNESIUM ION' 'Mg 2'
OLC non-polymer '(2R)-2,3-dihydroxypropyl (9Z)-octadec-9-enoate' 'C21 H40 O4'
#
# COMPACT_ATOMS: atom_id res chain seq x y z
N LYS A 8 34.17 -3.95 8.02
CA LYS A 8 34.79 -5.31 7.77
C LYS A 8 34.25 -6.32 8.83
N ASN A 9 35.09 -6.81 9.77
CA ASN A 9 34.75 -7.81 10.84
C ASN A 9 33.69 -7.27 11.82
N TRP A 10 33.79 -5.97 12.16
CA TRP A 10 32.92 -5.24 13.12
C TRP A 10 31.54 -4.95 12.48
N SER A 11 31.45 -5.01 11.14
CA SER A 11 30.29 -4.52 10.36
C SER A 11 29.05 -5.40 10.55
N ALA A 12 29.19 -6.65 10.98
CA ALA A 12 28.05 -7.56 11.19
C ALA A 12 27.37 -7.32 12.56
N LEU A 13 27.90 -6.43 13.38
CA LEU A 13 27.23 -6.04 14.64
C LEU A 13 25.99 -5.21 14.29
N LEU A 14 26.14 -4.26 13.37
CA LEU A 14 25.01 -3.43 12.85
C LEU A 14 23.95 -4.36 12.26
N THR A 15 24.34 -5.40 11.53
CA THR A 15 23.39 -6.19 10.73
C THR A 15 22.49 -7.03 11.64
N ALA A 16 22.97 -7.39 12.83
CA ALA A 16 22.20 -8.23 13.79
C ALA A 16 21.01 -7.40 14.30
N VAL A 17 21.18 -6.10 14.45
CA VAL A 17 20.11 -5.15 14.87
C VAL A 17 18.99 -5.22 13.83
N VAL A 18 19.35 -5.03 12.55
CA VAL A 18 18.43 -4.89 11.35
C VAL A 18 17.62 -6.19 11.21
N ILE A 19 18.21 -7.34 11.57
CA ILE A 19 17.53 -8.66 11.55
C ILE A 19 16.46 -8.69 12.65
N ILE A 20 16.81 -8.26 13.85
CA ILE A 20 15.89 -8.40 15.01
C ILE A 20 14.70 -7.45 14.85
N LEU A 21 14.93 -6.24 14.42
CA LEU A 21 13.86 -5.25 14.26
C LEU A 21 12.93 -5.71 13.15
N THR A 22 13.48 -6.34 12.11
CA THR A 22 12.67 -6.90 11.00
C THR A 22 11.75 -7.99 11.53
N ILE A 23 12.37 -8.99 12.14
CA ILE A 23 11.63 -10.21 12.55
C ILE A 23 10.52 -9.78 13.50
N ALA A 24 10.84 -8.98 14.49
CA ALA A 24 9.94 -8.63 15.61
C ALA A 24 8.85 -7.67 15.12
N GLY A 25 9.19 -6.62 14.40
CA GLY A 25 8.18 -5.68 13.91
C GLY A 25 7.15 -6.43 13.07
N ASN A 26 7.63 -7.30 12.20
CA ASN A 26 6.73 -7.91 11.21
C ASN A 26 5.88 -8.99 11.85
N ILE A 27 6.40 -9.64 12.87
CA ILE A 27 5.60 -10.59 13.69
C ILE A 27 4.41 -9.78 14.27
N LEU A 28 4.70 -8.61 14.82
CA LEU A 28 3.67 -7.74 15.43
C LEU A 28 2.62 -7.36 14.38
N VAL A 29 3.04 -7.13 13.15
CA VAL A 29 2.08 -6.74 12.08
C VAL A 29 1.16 -7.93 11.80
N ILE A 30 1.74 -9.12 11.66
CA ILE A 30 0.98 -10.38 11.41
C ILE A 30 0.04 -10.64 12.60
N MET A 31 0.47 -10.34 13.82
CA MET A 31 -0.36 -10.52 15.05
C MET A 31 -1.48 -9.46 15.06
N ALA A 32 -1.22 -8.23 14.65
CA ALA A 32 -2.25 -7.18 14.70
C ALA A 32 -3.34 -7.57 13.71
N VAL A 33 -2.99 -8.05 12.52
CA VAL A 33 -3.98 -8.34 11.44
C VAL A 33 -4.72 -9.65 11.75
N SER A 34 -4.07 -10.64 12.38
CA SER A 34 -4.70 -11.92 12.77
C SER A 34 -5.72 -11.70 13.89
N LEU A 35 -5.48 -10.73 14.77
CA LEU A 35 -6.19 -10.66 16.07
C LEU A 35 -7.21 -9.52 16.07
N GLU A 36 -6.77 -8.28 15.81
CA GLU A 36 -7.58 -7.05 16.00
C GLU A 36 -8.57 -6.97 14.86
N LYS A 37 -9.85 -6.81 15.17
CA LYS A 37 -10.95 -6.89 14.18
C LYS A 37 -11.06 -5.56 13.42
N LYS A 38 -10.51 -4.44 13.92
CA LYS A 38 -10.53 -3.15 13.19
C LYS A 38 -9.60 -3.20 11.98
N LEU A 39 -8.82 -4.28 11.79
CA LEU A 39 -7.87 -4.47 10.65
C LEU A 39 -8.36 -5.55 9.67
N GLN A 40 -9.61 -5.98 9.74
CA GLN A 40 -10.10 -7.14 8.92
C GLN A 40 -10.52 -6.68 7.52
N ASN A 41 -9.68 -5.95 6.81
CA ASN A 41 -10.00 -5.47 5.45
C ASN A 41 -8.86 -5.81 4.48
N ALA A 42 -9.19 -5.75 3.20
CA ALA A 42 -8.34 -6.23 2.09
C ALA A 42 -6.98 -5.56 2.14
N THR A 43 -6.89 -4.26 2.43
CA THR A 43 -5.59 -3.53 2.44
C THR A 43 -4.72 -4.15 3.54
N ASN A 44 -5.27 -4.36 4.74
CA ASN A 44 -4.45 -4.89 5.84
C ASN A 44 -4.09 -6.35 5.57
N TYR A 45 -4.94 -7.06 4.86
CA TYR A 45 -4.62 -8.43 4.43
C TYR A 45 -3.38 -8.42 3.49
N PHE A 46 -3.24 -7.45 2.60
CA PHE A 46 -2.01 -7.32 1.78
C PHE A 46 -0.83 -6.97 2.70
N LEU A 47 -1.05 -6.04 3.65
CA LEU A 47 0.03 -5.55 4.54
C LEU A 47 0.58 -6.71 5.39
N MET A 48 -0.27 -7.71 5.69
CA MET A 48 0.15 -8.91 6.47
C MET A 48 1.09 -9.74 5.59
N SER A 49 0.68 -9.92 4.34
CA SER A 49 1.32 -10.84 3.39
C SER A 49 2.72 -10.31 3.12
N LEU A 50 2.77 -8.99 3.02
CA LEU A 50 4.00 -8.19 2.86
C LEU A 50 4.88 -8.42 4.08
N ALA A 51 4.33 -8.36 5.28
CA ALA A 51 5.08 -8.54 6.56
C ALA A 51 5.63 -9.96 6.63
N ILE A 52 4.98 -10.92 5.97
CA ILE A 52 5.44 -12.34 5.99
C ILE A 52 6.67 -12.42 5.09
N ALA A 53 6.59 -11.75 3.95
CA ALA A 53 7.75 -11.59 3.04
C ALA A 53 8.90 -10.92 3.80
N ASP A 54 8.61 -9.83 4.52
CA ASP A 54 9.61 -9.07 5.32
C ASP A 54 10.18 -9.97 6.41
N MET A 55 9.33 -10.73 7.08
CA MET A 55 9.78 -11.68 8.13
C MET A 55 10.71 -12.77 7.54
N LEU A 56 10.33 -13.34 6.40
CA LEU A 56 11.09 -14.44 5.76
C LEU A 56 12.42 -13.91 5.25
N LEU A 57 12.44 -12.66 4.82
CA LEU A 57 13.67 -12.02 4.33
C LEU A 57 14.59 -11.88 5.55
N GLY A 58 14.03 -11.54 6.71
CA GLY A 58 14.79 -11.41 7.97
C GLY A 58 15.30 -12.76 8.48
N PHE A 59 14.57 -13.87 8.25
CA PHE A 59 14.92 -15.22 8.78
C PHE A 59 15.89 -15.91 7.84
N LEU A 60 15.59 -15.94 6.53
CA LEU A 60 16.24 -16.89 5.59
C LEU A 60 17.39 -16.16 4.93
N VAL A 61 17.14 -14.99 4.36
CA VAL A 61 18.11 -14.24 3.51
C VAL A 61 19.11 -13.49 4.40
N MET A 62 18.62 -12.67 5.33
CA MET A 62 19.44 -11.60 5.94
C MET A 62 20.52 -12.20 6.83
N PRO A 63 20.29 -13.27 7.63
CA PRO A 63 21.39 -13.87 8.41
C PRO A 63 22.52 -14.44 7.55
N VAL A 64 22.20 -14.93 6.37
CA VAL A 64 23.20 -15.57 5.48
C VAL A 64 24.02 -14.45 4.82
N SER A 65 23.40 -13.33 4.50
CA SER A 65 24.11 -12.15 3.98
C SER A 65 25.10 -11.68 5.03
N MET A 66 24.71 -11.73 6.31
CA MET A 66 25.56 -11.35 7.48
C MET A 66 26.69 -12.35 7.60
N LEU A 67 26.36 -13.61 7.38
CA LEU A 67 27.31 -14.75 7.46
C LEU A 67 28.38 -14.53 6.40
N THR A 68 28.00 -14.10 5.20
CA THR A 68 28.96 -13.92 4.09
C THR A 68 29.84 -12.71 4.41
N ILE A 69 29.35 -11.72 5.18
CA ILE A 69 30.19 -10.56 5.57
C ILE A 69 31.31 -11.07 6.49
N LEU A 70 31.02 -12.09 7.30
CA LEU A 70 32.02 -12.68 8.23
C LEU A 70 33.08 -13.51 7.48
N TYR A 71 32.81 -13.98 6.26
CA TYR A 71 33.77 -14.78 5.47
C TYR A 71 34.24 -13.98 4.25
N GLY A 72 34.30 -12.63 4.34
CA GLY A 72 34.96 -11.74 3.36
C GLY A 72 34.35 -11.92 1.99
N TYR A 73 33.08 -12.32 1.99
CA TYR A 73 32.15 -12.49 0.83
C TYR A 73 32.43 -13.80 0.08
N ARG A 74 33.46 -14.52 0.49
CA ARG A 74 33.70 -15.90 0.03
C ARG A 74 32.61 -16.77 0.67
N TRP A 75 31.88 -17.51 -0.16
CA TRP A 75 30.61 -18.19 0.20
C TRP A 75 30.88 -19.38 1.12
N PRO A 76 30.41 -19.38 2.40
CA PRO A 76 30.76 -20.43 3.35
C PRO A 76 29.92 -21.72 3.37
N LEU A 77 28.71 -21.73 2.79
CA LEU A 77 27.79 -22.89 2.83
C LEU A 77 28.08 -23.79 1.64
N PRO A 78 27.43 -24.98 1.50
CA PRO A 78 27.36 -25.70 0.23
C PRO A 78 27.05 -24.89 -1.05
N SER A 79 27.56 -25.34 -2.19
CA SER A 79 27.60 -24.50 -3.42
C SER A 79 26.20 -24.39 -4.06
N LYS A 80 25.40 -25.47 -4.00
CA LYS A 80 24.00 -25.45 -4.50
C LYS A 80 23.10 -24.66 -3.53
N LEU A 81 23.60 -24.27 -2.34
CA LEU A 81 22.83 -23.36 -1.44
C LEU A 81 22.93 -21.92 -1.93
N CYS A 82 23.91 -21.58 -2.75
CA CYS A 82 24.09 -20.20 -3.22
C CYS A 82 22.87 -19.76 -4.07
N ALA A 83 22.52 -20.56 -5.08
CA ALA A 83 21.45 -20.20 -6.04
C ALA A 83 20.08 -20.19 -5.33
N VAL A 84 19.94 -21.00 -4.30
CA VAL A 84 18.69 -21.05 -3.50
C VAL A 84 18.59 -19.77 -2.68
N TRP A 85 19.70 -19.28 -2.13
CA TRP A 85 19.72 -18.04 -1.32
C TRP A 85 19.38 -16.84 -2.21
N ILE A 86 19.86 -16.83 -3.44
CA ILE A 86 19.58 -15.70 -4.37
C ILE A 86 18.11 -15.82 -4.80
N TYR A 87 17.62 -17.05 -4.89
CA TYR A 87 16.22 -17.24 -5.28
C TYR A 87 15.37 -16.59 -4.20
N LEU A 88 15.62 -16.91 -2.94
CA LEU A 88 14.81 -16.39 -1.83
C LEU A 88 14.92 -14.86 -1.80
N ASP A 89 16.13 -14.32 -1.95
CA ASP A 89 16.42 -12.86 -1.86
C ASP A 89 15.57 -12.11 -2.88
N VAL A 90 15.60 -12.57 -4.13
CA VAL A 90 14.85 -11.91 -5.23
C VAL A 90 13.36 -12.18 -5.00
N LEU A 91 13.01 -13.41 -4.58
CA LEU A 91 11.59 -13.80 -4.38
C LEU A 91 10.94 -12.78 -3.46
N PHE A 92 11.54 -12.46 -2.32
CA PHE A 92 10.86 -11.71 -1.25
C PHE A 92 10.77 -10.24 -1.65
N SER A 93 11.80 -9.71 -2.29
CA SER A 93 11.82 -8.31 -2.78
C SER A 93 10.84 -8.20 -3.94
N THR A 94 10.81 -9.19 -4.83
CA THR A 94 9.85 -9.18 -5.95
C THR A 94 8.44 -9.22 -5.38
N ALA A 95 8.19 -10.00 -4.34
CA ALA A 95 6.84 -10.08 -3.75
C ALA A 95 6.50 -8.76 -3.04
N LYS A 96 7.49 -8.07 -2.47
CA LYS A 96 7.20 -6.75 -1.87
C LYS A 96 6.68 -5.79 -2.94
N ILE A 97 7.40 -5.62 -4.06
CA ILE A 97 6.99 -4.61 -5.07
C ILE A 97 5.62 -5.01 -5.63
N TRP A 98 5.43 -6.28 -5.98
CA TRP A 98 4.14 -6.68 -6.57
C TRP A 98 2.99 -6.53 -5.56
N HIS A 99 3.24 -6.68 -4.25
CA HIS A 99 2.21 -6.38 -3.22
C HIS A 99 1.87 -4.90 -3.28
N LEU A 100 2.90 -4.06 -3.19
CA LEU A 100 2.70 -2.59 -3.09
C LEU A 100 1.87 -2.15 -4.29
N CYS A 101 2.19 -2.69 -5.46
CA CYS A 101 1.43 -2.43 -6.70
C CYS A 101 -0.02 -2.94 -6.57
N ALA A 102 -0.21 -4.14 -6.04
CA ALA A 102 -1.53 -4.78 -5.87
C ALA A 102 -2.38 -3.93 -4.91
N ILE A 103 -1.79 -3.39 -3.84
CA ILE A 103 -2.51 -2.47 -2.91
C ILE A 103 -3.02 -1.27 -3.70
N SER A 104 -2.10 -0.54 -4.35
CA SER A 104 -2.34 0.78 -5.00
C SER A 104 -3.40 0.59 -6.09
N LEU A 105 -3.34 -0.55 -6.79
CA LEU A 105 -4.27 -0.89 -7.88
C LEU A 105 -5.62 -1.21 -7.30
N ASP A 106 -5.65 -2.10 -6.30
CA ASP A 106 -6.92 -2.64 -5.73
C ASP A 106 -7.67 -1.48 -5.04
N ARG A 107 -6.93 -0.60 -4.39
CA ARG A 107 -7.47 0.55 -3.63
C ARG A 107 -8.04 1.56 -4.64
N TYR A 108 -7.42 1.70 -5.81
CA TYR A 108 -7.89 2.61 -6.89
C TYR A 108 -9.16 2.02 -7.46
N VAL A 109 -9.18 0.73 -7.76
CA VAL A 109 -10.32 0.02 -8.42
C VAL A 109 -11.54 0.12 -7.51
N ALA A 110 -11.31 0.07 -6.20
CA ALA A 110 -12.34 0.12 -5.13
C ALA A 110 -13.01 1.50 -5.12
N ILE A 111 -12.25 2.55 -5.38
CA ILE A 111 -12.76 3.95 -5.42
C ILE A 111 -13.64 4.16 -6.67
N GLN A 112 -13.55 3.29 -7.71
CA GLN A 112 -14.46 3.26 -8.89
C GLN A 112 -15.46 2.09 -8.78
N ASN A 113 -16.01 1.79 -7.60
CA ASN A 113 -16.81 0.54 -7.32
C ASN A 113 -17.85 0.89 -6.27
N PRO A 114 -18.83 0.01 -5.93
CA PRO A 114 -19.80 0.34 -4.88
C PRO A 114 -19.16 0.23 -3.49
N SER A 122 -14.67 -9.31 1.66
CA SER A 122 -14.44 -10.78 1.67
C SER A 122 -12.94 -11.04 1.88
N ARG A 123 -12.62 -11.81 2.92
CA ARG A 123 -11.29 -12.46 3.09
C ARG A 123 -10.91 -13.22 1.82
N THR A 124 -11.83 -14.04 1.29
CA THR A 124 -11.57 -14.97 0.17
C THR A 124 -11.09 -14.17 -1.04
N LYS A 125 -11.74 -13.06 -1.32
CA LYS A 125 -11.31 -12.20 -2.46
C LYS A 125 -9.89 -11.68 -2.20
N ALA A 126 -9.52 -11.33 -0.97
CA ALA A 126 -8.18 -10.78 -0.72
C ALA A 126 -7.12 -11.89 -0.82
N PHE A 127 -7.39 -13.09 -0.30
CA PHE A 127 -6.42 -14.22 -0.25
C PHE A 127 -6.19 -14.69 -1.67
N LEU A 128 -7.21 -14.68 -2.51
CA LEU A 128 -7.07 -14.95 -3.96
C LEU A 128 -6.09 -13.97 -4.60
N LYS A 129 -6.19 -12.68 -4.34
CA LYS A 129 -5.29 -11.64 -4.94
C LYS A 129 -3.86 -11.89 -4.43
N ILE A 130 -3.72 -12.09 -3.13
CA ILE A 130 -2.40 -12.32 -2.49
C ILE A 130 -1.72 -13.54 -3.14
N ILE A 131 -2.45 -14.63 -3.36
CA ILE A 131 -1.88 -15.90 -3.90
C ILE A 131 -1.42 -15.64 -5.35
N ALA A 132 -2.21 -14.84 -6.07
CA ALA A 132 -1.86 -14.38 -7.42
C ALA A 132 -0.54 -13.60 -7.37
N VAL A 133 -0.34 -12.74 -6.37
CA VAL A 133 0.88 -11.89 -6.27
C VAL A 133 2.05 -12.83 -6.03
N TRP A 134 1.87 -13.77 -5.10
CA TRP A 134 2.94 -14.69 -4.66
C TRP A 134 3.27 -15.60 -5.84
N THR A 135 2.29 -16.06 -6.60
CA THR A 135 2.56 -17.03 -7.70
C THR A 135 3.27 -16.32 -8.86
N ILE A 136 2.95 -15.07 -9.12
CA ILE A 136 3.72 -14.30 -10.12
C ILE A 136 5.15 -14.16 -9.60
N SER A 137 5.33 -13.78 -8.34
CA SER A 137 6.69 -13.54 -7.78
C SER A 137 7.56 -14.81 -7.86
N VAL A 138 6.98 -15.95 -7.52
CA VAL A 138 7.65 -17.28 -7.63
C VAL A 138 7.90 -17.55 -9.10
N GLY A 139 6.94 -17.21 -9.99
CA GLY A 139 7.11 -17.40 -11.44
C GLY A 139 8.33 -16.63 -11.94
N ILE A 140 8.43 -15.33 -11.63
CA ILE A 140 9.48 -14.45 -12.21
C ILE A 140 10.83 -14.82 -11.60
N SER A 141 10.87 -15.21 -10.32
CA SER A 141 12.15 -15.49 -9.64
C SER A 141 12.72 -16.86 -10.08
N MET A 142 11.93 -17.66 -10.78
CA MET A 142 12.17 -19.11 -10.96
C MET A 142 13.38 -19.38 -11.85
N PRO A 143 13.68 -18.61 -12.93
CA PRO A 143 14.88 -18.88 -13.70
C PRO A 143 16.15 -18.91 -12.84
N ILE A 144 16.21 -18.15 -11.77
CA ILE A 144 17.44 -18.04 -10.95
C ILE A 144 17.88 -19.44 -10.47
N PRO A 145 17.11 -20.26 -9.73
CA PRO A 145 17.60 -21.60 -9.43
C PRO A 145 17.54 -22.58 -10.61
N VAL A 146 16.68 -22.41 -11.59
CA VAL A 146 16.56 -23.43 -12.66
C VAL A 146 17.87 -23.48 -13.46
N PHE A 147 18.34 -22.30 -13.89
CA PHE A 147 19.57 -22.07 -14.69
C PHE A 147 20.77 -22.03 -13.74
N GLY A 148 20.62 -21.39 -12.57
CA GLY A 148 21.73 -21.09 -11.65
C GLY A 148 22.25 -22.33 -10.96
N LEU A 149 21.37 -23.29 -10.71
CA LEU A 149 21.78 -24.55 -10.04
C LEU A 149 22.52 -25.39 -11.06
N GLN A 150 22.29 -25.09 -12.34
CA GLN A 150 22.87 -25.87 -13.45
C GLN A 150 24.25 -25.35 -13.83
N ASP A 151 24.53 -24.08 -13.54
CA ASP A 151 25.70 -23.34 -14.07
C ASP A 151 26.13 -22.33 -13.01
N ASP A 152 27.16 -22.66 -12.24
CA ASP A 152 27.65 -21.77 -11.14
C ASP A 152 28.14 -20.43 -11.67
N SER A 153 28.36 -20.27 -12.98
CA SER A 153 28.90 -19.02 -13.57
C SER A 153 27.83 -17.92 -13.52
N LYS A 154 26.57 -18.33 -13.30
CA LYS A 154 25.38 -17.44 -13.18
C LYS A 154 25.19 -16.96 -11.74
N VAL A 155 25.74 -17.65 -10.73
CA VAL A 155 25.48 -17.34 -9.29
C VAL A 155 26.77 -17.17 -8.48
N PHE A 156 27.94 -17.34 -9.09
CA PHE A 156 29.26 -17.13 -8.45
C PHE A 156 30.15 -16.28 -9.34
N LYS A 157 30.78 -15.30 -8.70
CA LYS A 157 31.87 -14.48 -9.29
C LYS A 157 33.03 -14.55 -8.31
N GLU A 158 34.06 -15.35 -8.61
CA GLU A 158 35.33 -15.45 -7.85
C GLU A 158 35.08 -15.92 -6.42
N GLY A 159 34.39 -17.05 -6.27
CA GLY A 159 34.12 -17.62 -4.93
C GLY A 159 33.01 -16.88 -4.17
N SER A 160 32.46 -15.79 -4.71
CA SER A 160 31.41 -14.99 -4.03
C SER A 160 30.07 -15.34 -4.63
N CYS A 161 29.06 -15.61 -3.80
CA CYS A 161 27.69 -15.89 -4.25
C CYS A 161 26.94 -14.59 -4.54
N LEU A 162 26.74 -14.26 -5.79
CA LEU A 162 26.02 -13.02 -6.19
C LEU A 162 25.35 -13.30 -7.54
N LEU A 163 24.27 -12.62 -7.89
CA LEU A 163 23.69 -12.88 -9.22
C LEU A 163 24.72 -12.40 -10.24
N ALA A 164 25.36 -13.33 -10.93
CA ALA A 164 26.40 -13.02 -11.93
C ALA A 164 25.87 -12.81 -13.36
N ASP A 165 24.82 -13.50 -13.83
CA ASP A 165 24.30 -13.35 -15.23
C ASP A 165 23.69 -11.95 -15.40
N ASP A 166 24.24 -11.15 -16.31
CA ASP A 166 23.82 -9.76 -16.53
C ASP A 166 22.44 -9.72 -17.20
N ASN A 167 22.08 -10.76 -17.97
CA ASN A 167 20.74 -10.85 -18.61
C ASN A 167 19.68 -10.96 -17.53
N PHE A 168 19.92 -11.72 -16.46
CA PHE A 168 18.97 -11.91 -15.36
C PHE A 168 18.84 -10.58 -14.65
N VAL A 169 19.94 -9.85 -14.46
CA VAL A 169 19.86 -8.60 -13.66
C VAL A 169 19.05 -7.59 -14.48
N LEU A 170 19.44 -7.33 -15.72
CA LEU A 170 18.72 -6.32 -16.54
C LEU A 170 17.24 -6.70 -16.72
N ILE A 171 16.95 -7.86 -17.29
CA ILE A 171 15.55 -8.23 -17.61
C ILE A 171 14.76 -8.26 -16.31
N GLY A 172 15.29 -8.87 -15.25
CA GLY A 172 14.59 -8.88 -13.96
C GLY A 172 14.35 -7.48 -13.42
N SER A 173 15.33 -6.60 -13.45
CA SER A 173 15.20 -5.22 -12.93
C SER A 173 14.02 -4.50 -13.61
N PHE A 174 13.79 -4.73 -14.91
CA PHE A 174 12.75 -3.99 -15.66
C PHE A 174 11.46 -4.79 -15.62
N VAL A 175 11.52 -6.08 -15.91
CA VAL A 175 10.26 -6.89 -15.98
C VAL A 175 9.70 -6.99 -14.58
N SER A 176 10.54 -7.35 -13.62
CA SER A 176 10.05 -7.67 -12.25
C SER A 176 10.06 -6.41 -11.37
N PHE A 177 10.59 -5.25 -11.80
CA PHE A 177 10.51 -4.07 -10.92
C PHE A 177 10.08 -2.79 -11.62
N PHE A 178 10.14 -2.65 -12.94
CA PHE A 178 9.70 -1.37 -13.57
C PHE A 178 8.24 -1.47 -14.02
N ILE A 179 7.72 -2.61 -14.50
CA ILE A 179 6.23 -2.69 -14.79
C ILE A 179 5.39 -2.59 -13.50
N PRO A 180 5.67 -3.26 -12.35
CA PRO A 180 4.90 -2.96 -11.14
C PRO A 180 5.06 -1.51 -10.65
N LEU A 181 6.25 -0.94 -10.68
CA LEU A 181 6.48 0.43 -10.17
C LEU A 181 5.68 1.44 -10.99
N THR A 182 5.71 1.28 -12.30
CA THR A 182 4.96 2.15 -13.23
C THR A 182 3.50 2.12 -12.80
N ILE A 183 2.92 0.93 -12.72
CA ILE A 183 1.49 0.79 -12.34
C ILE A 183 1.28 1.39 -10.94
N MET A 184 2.17 1.13 -10.00
CA MET A 184 2.01 1.61 -8.62
C MET A 184 2.01 3.14 -8.63
N VAL A 185 2.97 3.76 -9.32
CA VAL A 185 3.05 5.27 -9.31
C VAL A 185 1.84 5.87 -10.04
N ILE A 186 1.34 5.22 -11.09
CA ILE A 186 0.20 5.80 -11.85
C ILE A 186 -1.05 5.69 -10.98
N THR A 187 -1.30 4.50 -10.40
CA THR A 187 -2.57 4.21 -9.68
C THR A 187 -2.62 5.01 -8.38
N TYR A 188 -1.48 5.27 -7.77
CA TYR A 188 -1.39 6.16 -6.59
C TYR A 188 -1.84 7.58 -6.99
N PHE A 189 -1.31 8.15 -8.08
CA PHE A 189 -1.59 9.54 -8.51
C PHE A 189 -3.08 9.63 -8.92
N LEU A 190 -3.63 8.61 -9.57
CA LEU A 190 -5.03 8.71 -10.02
C LEU A 190 -5.95 8.62 -8.80
N THR A 191 -5.53 7.91 -7.77
CA THR A 191 -6.31 7.74 -6.52
C THR A 191 -6.36 9.08 -5.78
N ILE A 192 -5.24 9.77 -5.68
CA ILE A 192 -5.21 11.14 -5.10
C ILE A 192 -6.23 12.00 -5.86
N LYS A 193 -6.17 12.03 -7.19
CA LYS A 193 -7.10 12.83 -8.05
C LYS A 193 -8.54 12.31 -7.87
N SER A 194 -8.76 10.99 -7.79
CA SER A 194 -10.11 10.40 -7.63
C SER A 194 -10.74 10.97 -6.35
N LEU A 195 -10.01 10.89 -5.24
CA LEU A 195 -10.46 11.41 -3.93
C LEU A 195 -10.51 12.93 -3.97
N GLN A 196 -9.79 13.59 -4.85
CA GLN A 196 -9.87 15.07 -4.81
C GLN A 196 -11.17 15.48 -5.48
N LYS A 197 -11.54 14.81 -6.57
CA LYS A 197 -12.82 15.07 -7.26
C LYS A 197 -13.99 14.74 -6.32
N GLU A 198 -13.91 13.66 -5.58
CA GLU A 198 -15.02 13.24 -4.68
C GLU A 198 -15.29 14.36 -3.68
N ALA A 199 -14.24 14.96 -3.14
CA ALA A 199 -14.40 16.06 -2.16
C ALA A 199 -14.92 17.29 -2.90
N ALA A 200 -14.23 17.53 -4.15
CA ALA A 200 -14.84 18.67 -4.85
C ALA A 200 -16.35 18.45 -5.07
N ASP A 201 -16.74 17.28 -5.55
CA ASP A 201 -18.13 17.01 -5.98
C ASP A 201 -19.07 17.05 -4.75
N LEU A 202 -18.59 16.82 -3.52
CA LEU A 202 -19.44 16.87 -2.30
C LEU A 202 -19.56 18.30 -1.78
N GLU A 203 -18.53 19.13 -1.87
CA GLU A 203 -18.64 20.57 -1.56
C GLU A 203 -19.71 21.19 -2.49
N ASP A 204 -19.75 20.82 -3.78
CA ASP A 204 -20.71 21.36 -4.79
C ASP A 204 -22.13 20.99 -4.39
N ASN A 205 -22.31 19.75 -3.96
CA ASN A 205 -23.63 19.21 -3.55
C ASN A 205 -24.05 19.82 -2.20
N TRP A 206 -23.14 20.05 -1.25
CA TRP A 206 -23.40 20.88 -0.05
C TRP A 206 -23.88 22.28 -0.44
N GLU A 207 -23.30 22.99 -1.43
CA GLU A 207 -23.62 24.44 -1.58
C GLU A 207 -24.98 24.55 -2.25
N THR A 208 -25.32 23.65 -3.18
CA THR A 208 -26.61 23.69 -3.92
C THR A 208 -27.76 23.21 -3.02
N LEU A 209 -27.51 22.26 -2.11
CA LEU A 209 -28.51 21.92 -1.07
C LEU A 209 -28.70 23.13 -0.16
N ASN A 210 -27.62 23.73 0.31
CA ASN A 210 -27.72 24.88 1.26
C ASN A 210 -28.33 26.08 0.55
N ASP A 211 -27.99 26.35 -0.71
CA ASP A 211 -28.58 27.45 -1.50
C ASP A 211 -30.11 27.26 -1.61
N ASN A 212 -30.57 26.06 -1.94
CA ASN A 212 -32.02 25.78 -2.04
C ASN A 212 -32.70 25.70 -0.66
N LEU A 213 -31.97 25.47 0.44
CA LEU A 213 -32.56 25.55 1.81
C LEU A 213 -32.90 27.02 2.09
N LYS A 214 -32.02 27.95 1.72
CA LYS A 214 -32.26 29.40 1.96
C LYS A 214 -33.40 29.90 1.04
N VAL A 215 -33.60 29.24 -0.10
CA VAL A 215 -34.60 29.66 -1.12
C VAL A 215 -35.97 29.22 -0.66
N ILE A 216 -36.05 28.03 -0.08
CA ILE A 216 -37.36 27.51 0.38
C ILE A 216 -37.81 28.36 1.57
N GLU A 217 -36.92 28.75 2.48
CA GLU A 217 -37.30 29.49 3.71
C GLU A 217 -37.76 30.92 3.36
N LYS A 218 -37.19 31.59 2.35
CA LYS A 218 -37.57 32.96 1.91
C LYS A 218 -38.94 32.93 1.18
N ALA A 219 -39.37 31.77 0.65
CA ALA A 219 -40.38 31.64 -0.43
C ALA A 219 -41.77 32.15 0.00
N ASP A 220 -42.54 32.64 -0.99
CA ASP A 220 -43.93 33.15 -0.84
C ASP A 220 -44.91 32.14 -1.44
N ASN A 221 -44.47 31.30 -2.37
CA ASN A 221 -45.41 30.51 -3.22
C ASN A 221 -44.93 29.09 -3.45
N ALA A 222 -45.81 28.27 -4.04
CA ALA A 222 -45.59 26.84 -4.33
C ALA A 222 -44.61 26.66 -5.51
N ALA A 223 -44.43 27.64 -6.39
CA ALA A 223 -43.57 27.48 -7.58
C ALA A 223 -42.10 27.49 -7.14
N GLN A 224 -41.75 28.34 -6.16
CA GLN A 224 -40.35 28.58 -5.69
C GLN A 224 -39.86 27.38 -4.91
N VAL A 225 -40.75 26.80 -4.11
CA VAL A 225 -40.42 25.63 -3.25
C VAL A 225 -40.27 24.41 -4.18
N LYS A 226 -41.17 24.24 -5.14
CA LYS A 226 -41.25 23.04 -6.00
C LYS A 226 -40.00 23.00 -6.87
N ASP A 227 -39.65 24.14 -7.45
CA ASP A 227 -38.44 24.28 -8.30
C ASP A 227 -37.20 24.00 -7.43
N ALA A 228 -37.13 24.51 -6.19
CA ALA A 228 -35.95 24.40 -5.29
C ALA A 228 -35.80 22.96 -4.80
N LEU A 229 -36.88 22.29 -4.44
CA LEU A 229 -36.82 20.89 -3.98
C LEU A 229 -36.47 19.98 -5.17
N THR A 230 -36.83 20.35 -6.40
CA THR A 230 -36.55 19.51 -7.60
C THR A 230 -35.02 19.51 -7.79
N LYS A 231 -34.40 20.66 -7.60
CA LYS A 231 -32.92 20.86 -7.66
C LYS A 231 -32.22 20.27 -6.42
N MET A 232 -32.88 20.15 -5.27
CA MET A 232 -32.30 19.45 -4.10
C MET A 232 -32.26 17.93 -4.39
N ARG A 233 -33.32 17.39 -5.03
CA ARG A 233 -33.46 15.94 -5.35
C ARG A 233 -32.41 15.58 -6.41
N ALA A 234 -32.22 16.45 -7.40
CA ALA A 234 -31.21 16.26 -8.46
C ALA A 234 -29.81 16.18 -7.82
N ALA A 235 -29.49 17.09 -6.89
CA ALA A 235 -28.19 17.13 -6.19
C ALA A 235 -28.11 15.93 -5.25
N ALA A 236 -29.25 15.42 -4.80
CA ALA A 236 -29.28 14.21 -3.93
C ALA A 236 -28.89 12.97 -4.76
N LEU A 237 -29.35 12.85 -6.02
CA LEU A 237 -29.08 11.71 -6.94
C LEU A 237 -27.58 11.65 -7.27
N ASP A 238 -26.90 12.79 -7.29
CA ASP A 238 -25.45 12.86 -7.57
C ASP A 238 -24.66 12.30 -6.37
N ALA A 239 -24.95 12.70 -5.11
CA ALA A 239 -24.16 12.37 -3.89
C ALA A 239 -24.36 10.90 -3.46
N GLY A 240 -25.58 10.35 -3.52
CA GLY A 240 -25.89 8.92 -3.25
C GLY A 240 -25.42 8.02 -4.38
N ASP A 245 -29.77 7.64 -0.89
CA ASP A 245 -30.97 6.75 -0.80
C ASP A 245 -32.02 7.37 0.13
N ILE A 246 -31.71 7.43 1.45
CA ILE A 246 -32.64 7.75 2.59
C ILE A 246 -33.33 9.12 2.42
N LEU A 247 -32.57 10.15 2.06
CA LEU A 247 -32.96 11.59 2.03
C LEU A 247 -33.80 11.87 0.78
N VAL A 248 -33.64 11.09 -0.27
CA VAL A 248 -34.25 11.34 -1.61
C VAL A 248 -35.77 11.24 -1.52
N GLY A 249 -36.28 10.19 -0.89
CA GLY A 249 -37.72 10.03 -0.64
C GLY A 249 -38.24 11.12 0.27
N GLN A 250 -37.42 11.61 1.22
CA GLN A 250 -37.86 12.64 2.21
C GLN A 250 -38.07 13.99 1.51
N ILE A 251 -37.28 14.24 0.46
CA ILE A 251 -37.49 15.38 -0.47
C ILE A 251 -38.82 15.15 -1.21
N ASP A 252 -39.05 13.93 -1.69
CA ASP A 252 -40.31 13.56 -2.40
C ASP A 252 -41.49 13.64 -1.42
N ASP A 253 -41.22 13.39 -0.13
CA ASP A 253 -42.24 13.52 0.96
C ASP A 253 -42.60 15.02 1.03
N ALA A 254 -41.67 15.92 0.73
CA ALA A 254 -41.92 17.39 0.80
C ALA A 254 -42.31 17.93 -0.59
N LEU A 255 -41.84 17.35 -1.69
CA LEU A 255 -42.13 17.82 -3.08
C LEU A 255 -43.62 17.62 -3.42
N LYS A 256 -44.27 16.61 -2.84
CA LYS A 256 -45.71 16.34 -3.06
C LYS A 256 -46.57 17.37 -2.30
N LEU A 257 -46.10 17.85 -1.14
CA LEU A 257 -46.66 18.98 -0.35
C LEU A 257 -46.65 20.25 -1.21
N ALA A 258 -45.52 20.52 -1.88
CA ALA A 258 -45.33 21.77 -2.64
C ALA A 258 -46.20 21.74 -3.89
N ASN A 259 -46.57 20.55 -4.40
CA ASN A 259 -47.44 20.43 -5.60
C ASN A 259 -48.87 20.81 -5.24
N GLU A 260 -49.34 20.38 -4.09
CA GLU A 260 -50.74 20.62 -3.63
C GLU A 260 -50.91 22.11 -3.30
N GLY A 261 -49.83 22.87 -3.13
CA GLY A 261 -49.87 24.28 -2.72
C GLY A 261 -49.58 24.44 -1.23
N LYS A 262 -49.25 23.35 -0.51
CA LYS A 262 -49.01 23.39 0.96
C LYS A 262 -47.62 23.97 1.22
N VAL A 263 -47.53 25.29 1.12
CA VAL A 263 -46.25 26.05 1.11
C VAL A 263 -45.66 26.10 2.53
N LYS A 264 -46.41 26.53 3.54
CA LYS A 264 -45.87 26.61 4.93
C LYS A 264 -45.46 25.18 5.35
N GLU A 265 -46.18 24.18 4.81
CA GLU A 265 -46.08 22.76 5.22
C GLU A 265 -44.83 22.15 4.58
N ALA A 266 -44.52 22.54 3.34
CA ALA A 266 -43.27 22.13 2.66
C ALA A 266 -42.08 22.81 3.36
N GLN A 267 -42.16 24.11 3.66
CA GLN A 267 -41.08 24.93 4.29
C GLN A 267 -40.62 24.32 5.63
N ALA A 268 -41.55 23.75 6.42
CA ALA A 268 -41.25 23.12 7.74
C ALA A 268 -40.63 21.72 7.57
N ALA A 269 -40.96 21.00 6.47
CA ALA A 269 -40.38 19.69 6.10
C ALA A 269 -38.92 19.85 5.67
N ALA A 270 -38.61 20.96 4.99
CA ALA A 270 -37.26 21.26 4.47
C ALA A 270 -36.32 21.57 5.64
N GLU A 271 -36.82 22.19 6.72
CA GLU A 271 -35.96 22.45 7.91
C GLU A 271 -35.77 21.11 8.65
N GLN A 272 -36.68 20.14 8.44
CA GLN A 272 -36.54 18.75 8.95
C GLN A 272 -35.60 17.96 8.03
N LEU A 273 -35.50 18.31 6.73
CA LEU A 273 -34.51 17.69 5.80
C LEU A 273 -33.09 18.11 6.21
N LYS A 274 -32.97 19.27 6.88
CA LYS A 274 -31.68 19.94 7.16
C LYS A 274 -30.84 18.99 8.02
N THR A 275 -31.47 18.33 8.97
CA THR A 275 -30.77 17.46 9.95
C THR A 275 -30.30 16.18 9.21
N THR A 276 -31.10 15.67 8.27
CA THR A 276 -30.82 14.46 7.46
C THR A 276 -29.73 14.77 6.45
N ILE A 277 -29.65 16.01 5.96
CA ILE A 277 -28.56 16.43 5.04
C ILE A 277 -27.27 16.50 5.83
N ASN A 278 -27.24 17.23 6.96
CA ASN A 278 -26.02 17.40 7.79
C ASN A 278 -25.48 16.03 8.23
N ALA A 279 -26.36 15.02 8.35
CA ALA A 279 -26.01 13.63 8.74
C ALA A 279 -25.15 12.99 7.63
N TYR A 280 -25.59 13.04 6.37
CA TYR A 280 -24.94 12.33 5.23
C TYR A 280 -23.66 13.07 4.84
N ILE A 281 -23.61 14.39 5.10
CA ILE A 281 -22.43 15.26 4.79
C ILE A 281 -21.27 14.87 5.70
N GLN A 282 -21.47 14.83 7.01
CA GLN A 282 -20.32 14.55 7.90
C GLN A 282 -19.90 13.09 7.69
N LYS A 283 -20.84 12.18 7.40
CA LYS A 283 -20.53 10.73 7.26
C LYS A 283 -19.68 10.50 6.02
N TYR A 284 -20.10 11.04 4.87
CA TYR A 284 -19.34 10.93 3.61
C TYR A 284 -18.10 11.85 3.72
N GLY A 285 -18.20 12.88 4.55
CA GLY A 285 -17.06 13.79 4.77
C GLY A 285 -16.00 13.14 5.63
N GLN A 286 -16.42 12.32 6.62
CA GLN A 286 -15.31 11.71 7.36
C GLN A 286 -14.65 10.78 6.38
N SER A 287 -15.53 10.09 5.72
CA SER A 287 -15.15 8.94 4.91
C SER A 287 -13.96 9.32 4.03
N ILE A 288 -14.06 10.42 3.28
CA ILE A 288 -13.03 10.82 2.29
C ILE A 288 -11.79 11.27 3.07
N SER A 289 -11.96 11.89 4.25
CA SER A 289 -10.80 12.31 5.07
C SER A 289 -9.99 11.07 5.48
N ASN A 290 -10.70 9.99 5.82
CA ASN A 290 -10.10 8.73 6.31
C ASN A 290 -9.36 8.04 5.17
N GLU A 291 -9.99 7.92 3.99
CA GLU A 291 -9.38 7.37 2.75
C GLU A 291 -8.17 8.21 2.38
N GLN A 292 -8.21 9.54 2.49
CA GLN A 292 -7.03 10.37 2.18
C GLN A 292 -6.00 10.25 3.31
N LYS A 293 -6.41 9.96 4.56
CA LYS A 293 -5.45 9.64 5.65
C LYS A 293 -4.68 8.36 5.21
N ALA A 294 -5.41 7.36 4.74
CA ALA A 294 -4.89 6.02 4.39
C ALA A 294 -4.01 6.06 3.14
N CYS A 295 -4.36 6.86 2.15
CA CYS A 295 -3.59 7.08 0.92
C CYS A 295 -2.27 7.75 1.32
N LYS A 296 -2.29 8.61 2.35
CA LYS A 296 -1.07 9.29 2.87
C LYS A 296 -0.15 8.24 3.50
N VAL A 297 -0.68 7.32 4.30
CA VAL A 297 0.21 6.33 4.98
C VAL A 297 0.83 5.41 3.92
N LEU A 298 0.02 4.90 2.99
CA LEU A 298 0.48 3.88 2.02
C LEU A 298 1.53 4.51 1.10
N GLY A 299 1.36 5.79 0.78
CA GLY A 299 2.34 6.54 -0.04
C GLY A 299 3.67 6.71 0.68
N ILE A 300 3.72 6.71 2.01
CA ILE A 300 5.02 6.71 2.75
C ILE A 300 5.68 5.33 2.61
N VAL A 301 4.91 4.25 2.77
CA VAL A 301 5.36 2.84 2.55
C VAL A 301 5.97 2.69 1.15
N PHE A 302 5.25 3.21 0.13
CA PHE A 302 5.61 3.17 -1.31
C PHE A 302 6.91 3.99 -1.50
N PHE A 303 6.92 5.22 -0.99
CA PHE A 303 8.04 6.20 -1.15
C PHE A 303 9.32 5.62 -0.55
N LEU A 304 9.21 5.06 0.66
CA LEU A 304 10.36 4.51 1.39
C LEU A 304 10.95 3.30 0.65
N PHE A 305 10.10 2.40 0.15
CA PHE A 305 10.56 1.16 -0.54
C PHE A 305 11.48 1.55 -1.69
N VAL A 306 11.06 2.53 -2.48
CA VAL A 306 11.80 2.88 -3.70
C VAL A 306 13.05 3.63 -3.26
N VAL A 307 12.87 4.70 -2.49
CA VAL A 307 14.04 5.51 -2.08
C VAL A 307 15.10 4.62 -1.44
N MET A 308 14.73 3.72 -0.56
CA MET A 308 15.75 2.94 0.16
C MET A 308 16.38 1.91 -0.77
N TRP A 309 15.62 1.38 -1.71
CA TRP A 309 16.17 0.34 -2.61
C TRP A 309 16.81 1.01 -3.84
N CYS A 310 16.58 2.32 -4.04
CA CYS A 310 17.05 3.08 -5.23
C CYS A 310 18.57 3.02 -5.38
N PRO A 311 19.39 3.26 -4.34
CA PRO A 311 20.83 3.16 -4.50
C PRO A 311 21.27 1.81 -5.09
N PHE A 312 20.82 0.71 -4.48
CA PHE A 312 21.21 -0.66 -4.94
C PHE A 312 20.79 -0.84 -6.40
N PHE A 313 19.56 -0.48 -6.72
CA PHE A 313 18.99 -0.72 -8.05
C PHE A 313 19.83 -0.01 -9.12
N ILE A 314 20.10 1.27 -8.93
CA ILE A 314 20.85 2.07 -9.95
C ILE A 314 22.29 1.51 -10.04
N THR A 315 22.94 1.27 -8.90
CA THR A 315 24.36 0.86 -8.87
C THR A 315 24.51 -0.50 -9.57
N ASN A 316 23.55 -1.39 -9.41
CA ASN A 316 23.64 -2.78 -9.93
C ASN A 316 23.41 -2.73 -11.45
N ILE A 317 22.60 -1.80 -11.90
CA ILE A 317 22.39 -1.66 -13.37
C ILE A 317 23.65 -1.06 -13.98
N MET A 318 24.32 -0.14 -13.25
CA MET A 318 25.57 0.51 -13.73
C MET A 318 26.73 -0.49 -13.66
N ALA A 319 26.65 -1.55 -12.85
CA ALA A 319 27.66 -2.64 -12.84
C ALA A 319 27.70 -3.27 -14.25
N VAL A 320 26.54 -3.29 -14.91
CA VAL A 320 26.29 -4.06 -16.15
C VAL A 320 26.66 -3.18 -17.32
N ILE A 321 26.31 -1.89 -17.24
CA ILE A 321 26.54 -0.92 -18.35
C ILE A 321 28.03 -0.68 -18.55
N CYS A 322 28.72 -0.10 -17.56
CA CYS A 322 30.19 0.13 -17.59
C CYS A 322 30.85 -1.11 -16.99
N LYS A 323 30.81 -2.22 -17.71
CA LYS A 323 31.25 -3.53 -17.19
C LYS A 323 32.76 -3.45 -17.01
N GLU A 324 33.46 -2.95 -18.04
CA GLU A 324 34.94 -2.88 -18.10
C GLU A 324 35.37 -1.47 -17.67
N SER A 325 34.65 -0.43 -18.10
CA SER A 325 34.95 1.02 -17.85
C SER A 325 35.07 1.37 -16.35
N CYS A 326 34.44 0.64 -15.42
CA CYS A 326 34.31 1.07 -14.01
C CYS A 326 35.02 0.08 -13.11
N ASN A 327 35.43 0.54 -11.91
CA ASN A 327 36.08 -0.29 -10.86
C ASN A 327 35.06 -1.29 -10.33
N GLU A 328 35.16 -2.53 -10.80
CA GLU A 328 34.30 -3.65 -10.37
C GLU A 328 34.42 -3.76 -8.84
N ASP A 329 35.61 -3.55 -8.25
CA ASP A 329 35.86 -3.65 -6.77
C ASP A 329 35.10 -2.58 -6.00
N VAL A 330 35.01 -1.35 -6.54
CA VAL A 330 34.34 -0.21 -5.85
C VAL A 330 32.83 -0.40 -5.95
N ILE A 331 32.32 -0.57 -7.17
CA ILE A 331 30.91 -0.94 -7.48
C ILE A 331 30.44 -2.05 -6.52
N GLY A 332 31.18 -3.15 -6.45
CA GLY A 332 30.78 -4.27 -5.61
C GLY A 332 30.84 -3.91 -4.14
N ALA A 333 31.74 -3.00 -3.72
CA ALA A 333 31.86 -2.56 -2.32
C ALA A 333 30.71 -1.62 -1.99
N LEU A 334 30.03 -1.09 -3.01
CA LEU A 334 28.83 -0.24 -2.77
C LEU A 334 27.57 -1.13 -2.78
N LEU A 335 27.56 -2.16 -3.62
CA LEU A 335 26.41 -3.08 -3.67
C LEU A 335 26.25 -3.73 -2.30
N ASN A 336 27.35 -4.01 -1.61
CA ASN A 336 27.30 -4.75 -0.33
C ASN A 336 26.80 -3.83 0.78
N VAL A 337 26.98 -2.52 0.62
CA VAL A 337 26.41 -1.48 1.53
C VAL A 337 24.96 -1.23 1.09
N PHE A 338 24.72 -1.07 -0.20
CA PHE A 338 23.39 -0.58 -0.68
C PHE A 338 22.28 -1.64 -0.55
N VAL A 339 22.64 -2.88 -0.24
CA VAL A 339 21.64 -3.96 -0.14
C VAL A 339 21.05 -3.90 1.27
N TRP A 340 21.83 -3.39 2.23
CA TRP A 340 21.36 -3.25 3.64
C TRP A 340 20.49 -2.02 3.80
N ILE A 341 20.62 -1.04 2.92
CA ILE A 341 19.66 0.09 2.94
C ILE A 341 18.32 -0.51 2.51
N GLY A 342 18.28 -1.37 1.50
CA GLY A 342 17.00 -2.02 1.14
C GLY A 342 16.53 -3.06 2.16
N TYR A 343 17.45 -3.76 2.82
CA TYR A 343 17.06 -4.75 3.84
C TYR A 343 16.44 -4.01 5.02
N LEU A 344 16.91 -2.81 5.31
CA LEU A 344 16.44 -1.95 6.42
C LEU A 344 14.98 -1.58 6.16
N ASN A 345 14.54 -1.62 4.90
CA ASN A 345 13.15 -1.30 4.53
C ASN A 345 12.22 -2.40 5.06
N SER A 346 12.76 -3.57 5.38
CA SER A 346 11.95 -4.63 6.02
C SER A 346 11.63 -4.22 7.47
N ALA A 347 12.41 -3.33 8.07
CA ALA A 347 12.25 -2.87 9.47
C ALA A 347 11.26 -1.71 9.53
N VAL A 348 11.08 -0.97 8.44
CA VAL A 348 10.38 0.35 8.50
C VAL A 348 8.86 0.18 8.49
N ASN A 349 8.30 -0.76 7.70
CA ASN A 349 6.83 -0.77 7.46
C ASN A 349 6.13 -0.82 8.81
N PRO A 350 6.55 -1.68 9.78
CA PRO A 350 5.91 -1.64 11.11
C PRO A 350 5.96 -0.31 11.86
N LEU A 351 7.08 0.40 11.82
CA LEU A 351 7.27 1.67 12.53
C LEU A 351 6.33 2.71 11.93
N VAL A 352 6.21 2.71 10.59
CA VAL A 352 5.27 3.57 9.81
C VAL A 352 3.87 3.38 10.38
N TYR A 353 3.46 2.14 10.60
CA TYR A 353 2.10 1.82 11.07
C TYR A 353 1.91 2.29 12.52
N THR A 354 2.94 2.17 13.35
CA THR A 354 2.91 2.65 14.75
C THR A 354 2.68 4.14 14.76
N LEU A 355 3.48 4.87 14.01
CA LEU A 355 3.44 6.34 14.04
C LEU A 355 2.15 6.88 13.43
N PHE A 356 1.51 6.17 12.49
CA PHE A 356 0.44 6.78 11.66
C PHE A 356 -0.89 6.03 11.77
N ASN A 357 -1.05 4.97 12.59
CA ASN A 357 -2.34 4.26 12.83
C ASN A 357 -2.48 3.93 14.33
N LYS A 358 -3.48 4.48 15.03
CA LYS A 358 -3.80 4.17 16.47
C LYS A 358 -4.05 2.68 16.59
N THR A 359 -4.61 2.04 15.57
CA THR A 359 -5.11 0.64 15.67
C THR A 359 -3.92 -0.29 15.84
N TYR A 360 -2.90 -0.10 14.98
CA TYR A 360 -1.61 -0.84 15.05
C TYR A 360 -0.84 -0.43 16.31
N ARG A 361 -0.78 0.85 16.63
CA ARG A 361 0.04 1.35 17.77
C ARG A 361 -0.52 0.74 19.05
N SER A 362 -1.86 0.74 19.25
CA SER A 362 -2.57 0.16 20.43
C SER A 362 -2.31 -1.34 20.47
N ALA A 363 -2.42 -1.97 19.31
CA ALA A 363 -2.27 -3.43 19.17
C ALA A 363 -0.88 -3.83 19.64
N PHE A 364 0.14 -3.21 19.02
CA PHE A 364 1.58 -3.44 19.28
C PHE A 364 1.84 -3.20 20.76
N SER A 365 1.26 -2.15 21.32
CA SER A 365 1.51 -1.71 22.71
C SER A 365 0.98 -2.76 23.70
N ARG A 366 -0.10 -3.46 23.36
CA ARG A 366 -0.65 -4.52 24.23
C ARG A 366 0.11 -5.83 24.00
N TYR A 367 0.61 -6.11 22.80
CA TYR A 367 1.31 -7.39 22.50
C TYR A 367 2.65 -7.41 23.21
N ILE A 368 3.28 -6.23 23.29
CA ILE A 368 4.52 -5.97 24.06
C ILE A 368 4.28 -6.26 25.55
N GLN A 369 3.06 -6.07 26.08
CA GLN A 369 2.72 -6.48 27.48
C GLN A 369 2.10 -7.89 27.54
N CYS A 370 2.35 -8.74 26.53
CA CYS A 370 1.92 -10.18 26.41
C CYS A 370 0.41 -10.35 26.68
N GLN A 371 -0.43 -9.51 26.09
CA GLN A 371 -1.85 -9.31 26.44
C GLN A 371 -2.69 -9.19 25.15
N TYR A 372 -3.40 -10.26 24.76
CA TYR A 372 -3.86 -10.56 23.36
C TYR A 372 -5.37 -10.32 23.09
N LYS A 373 -6.27 -10.15 24.08
CA LYS A 373 -7.77 -10.14 23.87
C LYS A 373 -8.26 -8.73 23.45
N GLU A 374 -9.05 -8.61 22.38
CA GLU A 374 -9.53 -7.28 21.88
C GLU A 374 -10.77 -6.88 22.69
C1 CLR B . 6.55 -12.76 21.92
C2 CLR B . 5.09 -12.38 22.23
C3 CLR B . 4.82 -10.93 21.94
C4 CLR B . 5.21 -10.59 20.52
C5 CLR B . 6.62 -10.99 20.19
C6 CLR B . 7.49 -10.14 19.66
C7 CLR B . 8.90 -10.44 19.25
C8 CLR B . 9.15 -11.94 19.16
C9 CLR B . 8.55 -12.65 20.38
C10 CLR B . 7.00 -12.44 20.47
C11 CLR B . 8.97 -14.12 20.48
C12 CLR B . 10.49 -14.34 20.34
C13 CLR B . 11.06 -13.72 19.06
C14 CLR B . 10.65 -12.23 19.07
C15 CLR B . 11.47 -11.63 17.93
C16 CLR B . 12.79 -12.45 17.94
C17 CLR B . 12.61 -13.59 18.98
C18 CLR B . 10.55 -14.50 17.84
C19 CLR B . 6.25 -13.35 19.48
O1 CLR B . 3.42 -10.69 22.19
OH2 1PE C . -27.76 27.34 8.46
C12 1PE C . -27.09 27.22 7.23
C22 1PE C . -26.07 26.11 7.23
OH3 1PE C . -26.68 24.83 7.39
C13 1PE C . -24.51 23.96 7.91
C23 1PE C . -25.79 23.74 7.16
OH4 1PE C . -23.66 22.83 7.77
C14 1PE C . -21.37 22.09 7.61
C24 1PE C . -22.31 23.13 8.11
OH5 1PE C . -20.04 22.62 7.42
C15 1PE C . -19.36 21.19 5.62
C25 1PE C . -19.12 21.60 7.05
OH6 1PE C . -18.68 19.98 5.30
C16 1PE C . -16.78 18.59 5.48
C26 1PE C . -17.31 19.96 5.70
OH7 1PE C . -15.55 18.35 6.17
C18 OLC D . 21.83 -21.88 -21.72
C10 OLC D . 14.91 -17.32 -18.82
C9 OLC D . 14.44 -16.19 -18.43
C17 OLC D . 21.27 -21.07 -20.57
C11 OLC D . 15.81 -17.54 -20.01
C8 OLC D . 14.93 -14.84 -18.88
C24 OLC D . 17.77 -7.85 -10.29
C16 OLC D . 20.55 -19.82 -20.99
C12 OLC D . 17.22 -17.94 -19.67
C7 OLC D . 15.56 -13.98 -17.82
C15 OLC D . 20.23 -18.88 -19.86
C13 OLC D . 18.22 -17.69 -20.77
C6 OLC D . 14.80 -13.99 -16.50
C14 OLC D . 19.64 -17.58 -20.30
C5 OLC D . 14.91 -12.74 -15.65
C4 OLC D . 14.10 -12.81 -14.38
C3 OLC D . 14.83 -13.48 -13.23
C2 OLC D . 15.94 -12.65 -12.66
C21 OLC D . 15.96 -9.59 -10.60
C1 OLC D . 15.43 -11.60 -11.72
C22 OLC D . 17.06 -9.06 -9.73
O19 OLC D . 14.27 -11.48 -11.40
O25 OLC D . 18.60 -7.22 -9.31
O23 OLC D . 16.51 -8.76 -8.44
O20 OLC D . 16.41 -10.80 -11.27
C10 OLC E . 16.45 -26.76 -4.96
C9 OLC E . 17.26 -26.93 -3.91
C11 OLC E . 15.02 -26.28 -4.92
C8 OLC E . 18.70 -27.38 -3.89
C12 OLC E . 14.73 -25.00 -5.71
C7 OLC E . 19.30 -27.39 -2.51
C13 OLC E . 13.71 -24.00 -5.08
C6 OLC E . 20.66 -28.07 -2.35
C5 OLC E . 21.13 -28.19 -0.90
C4 OLC E . 22.30 -29.14 -0.64
C3 OLC E . 23.58 -28.70 -1.33
C2 OLC E . 24.66 -29.73 -1.29
C1 OLC E . 25.83 -29.33 -2.16
O19 OLC E . 26.09 -28.24 -2.67
O20 OLC E . 26.59 -30.41 -2.35
C10 OLC F . -1.28 -14.98 3.26
C9 OLC F . -0.41 -15.70 2.56
C11 OLC F . -1.66 -15.24 4.68
C8 OLC F . 0.29 -16.96 3.00
C24 OLC F . 8.56 -22.21 -3.48
C7 OLC F . 0.95 -17.70 1.90
C6 OLC F . 2.05 -16.87 1.24
C5 OLC F . 3.39 -16.95 1.92
C4 OLC F . 4.53 -17.33 0.96
C3 OLC F . 4.24 -18.59 0.13
C2 OLC F . 5.18 -19.71 0.42
C21 OLC F . 8.08 -20.25 -1.86
C1 OLC F . 6.59 -19.49 -0.12
C22 OLC F . 8.76 -21.60 -2.11
O19 OLC F . 7.34 -18.62 0.23
O25 OLC F . 9.75 -22.88 -3.91
O23 OLC F . 10.17 -21.44 -1.92
O20 OLC F . 6.92 -20.44 -1.02
C1 CLR G . -0.02 -16.31 9.44
C2 CLR G . -1.40 -15.97 10.02
C3 CLR G . -2.52 -16.18 9.03
C4 CLR G . -2.48 -17.60 8.52
C5 CLR G . -1.12 -17.96 7.95
C6 CLR G . -1.05 -18.49 6.74
C7 CLR G . 0.20 -18.94 6.06
C8 CLR G . 1.40 -19.00 7.01
C9 CLR G . 1.39 -17.81 7.99
C10 CLR G . 0.10 -17.73 8.84
C11 CLR G . 2.70 -17.76 8.84
C12 CLR G . 4.00 -17.94 8.04
C13 CLR G . 3.96 -19.12 7.05
C14 CLR G . 2.68 -18.91 6.21
C15 CLR G . 2.87 -19.77 4.98
C16 CLR G . 4.32 -19.48 4.61
C17 CLR G . 5.07 -19.17 5.94
C18 CLR G . 3.93 -20.45 7.83
C19 CLR G . 0.08 -18.79 9.97
C20 CLR G . 6.29 -20.06 6.11
C21 CLR G . 7.29 -19.51 7.12
C22 CLR G . 6.97 -20.31 4.74
C23 CLR G . 8.29 -21.04 4.79
C24 CLR G . 9.35 -20.40 3.92
C25 CLR G . 9.52 -21.03 2.53
C26 CLR G . 10.27 -22.35 2.62
C27 CLR G . 10.26 -20.11 1.58
O1 CLR G . -3.79 -15.93 9.66
C10 OLC H . 24.22 -1.71 7.71
C9 OLC H . 25.52 -1.84 7.41
C11 OLC H . 23.59 -0.47 8.29
C8 OLC H . 26.24 -3.05 6.90
C24 OLC H . 36.56 -6.23 1.28
C12 OLC H . 22.30 -0.04 7.63
C7 OLC H . 27.30 -2.78 5.85
C13 OLC H . 22.20 1.43 7.19
C6 OLC H . 28.01 -4.00 5.29
C5 OLC H . 29.24 -3.68 4.45
C4 OLC H . 30.53 -4.26 4.95
C3 OLC H . 31.68 -4.09 3.97
C2 OLC H . 32.89 -4.90 4.32
C21 OLC H . 36.12 -5.64 3.73
C1 OLC H . 33.88 -4.98 3.19
C22 OLC H . 37.10 -6.15 2.70
O19 OLC H . 33.83 -4.28 2.20
O25 OLC H . 36.14 -7.55 0.95
O23 OLC H . 38.26 -5.31 2.75
O20 OLC H . 34.76 -5.97 3.36
C1 CLR I . 27.01 5.86 -6.67
C2 CLR I . 25.98 6.94 -7.03
C3 CLR I . 24.64 6.40 -7.48
C4 CLR I . 24.82 5.15 -8.30
C5 CLR I . 26.23 5.01 -8.86
C6 CLR I . 26.46 4.94 -10.17
C7 CLR I . 27.81 4.84 -10.81
C8 CLR I . 28.92 4.49 -9.82
C9 CLR I . 28.72 5.24 -8.49
C10 CLR I . 27.35 4.90 -7.83
C11 CLR I . 29.92 5.06 -7.54
C12 CLR I . 31.30 5.26 -8.19
C13 CLR I . 31.48 4.44 -9.48
C14 CLR I . 30.29 4.86 -10.36
C15 CLR I . 30.70 4.40 -11.76
C16 CLR I . 32.18 4.85 -11.81
C17 CLR I . 32.73 4.75 -10.37
C18 CLR I . 31.42 2.95 -9.14
C19 CLR I . 27.33 3.43 -7.32
C20 CLR I . 33.98 3.85 -10.31
C21 CLR I . 34.46 3.59 -8.88
C22 CLR I . 35.13 4.40 -11.18
C23 CLR I . 36.46 3.67 -11.05
C24 CLR I . 37.64 4.34 -11.73
C25 CLR I . 39.04 3.92 -11.20
C26 CLR I . 39.44 2.51 -11.68
C27 CLR I . 39.16 4.07 -9.67
O1 CLR I . 23.79 6.17 -6.33
N1 9SC J . 20.76 -9.20 -4.51
N3 9SC J . 14.25 0.72 -7.12
C4 9SC J . 22.12 -11.23 -4.31
C5 9SC J . 23.33 -11.84 -4.00
C6 9SC J . 24.39 -11.09 -3.54
C7 9SC J . 20.00 -8.75 -3.33
C8 9SC J . 18.76 -7.97 -3.70
C10 9SC J . 19.91 -9.90 -5.48
C13 9SC J . 16.10 -5.68 -5.83
C15 9SC J . 14.26 -2.74 -5.86
C17 9SC J . 12.06 -2.16 -6.58
C20 9SC J . 14.69 -1.48 -6.24
C21 9SC J . 11.56 0.16 -7.53
C22 9SC J . 12.32 1.05 -8.50
C1 9SC J . 24.26 -9.72 -3.43
C11 9SC J . 16.71 -7.97 -4.96
C12 9SC J . 16.89 -6.47 -4.81
C14 9SC J . 14.96 -4.93 -5.20
C16 9SC J . 12.93 -3.09 -6.03
C18 9SC J . 12.45 -0.88 -6.93
C19 9SC J . 13.79 -0.56 -6.75
C2 9SC J . 23.07 -9.10 -3.75
C23 9SC J . 13.62 1.56 -7.97
C3 9SC J . 21.97 -9.86 -4.20
C9 9SC J . 18.70 -9.05 -5.83
N2 9SC J . 17.91 -8.75 -4.63
O1 9SC J . 15.23 -3.55 -5.34
O2A 9SC J . 14.14 2.64 -8.28
CL1 9SC J . 25.57 -8.72 -2.92
CL2 9SC J . 22.97 -7.39 -3.56
MG MG K . -24.12 29.19 -3.74
#